data_7KZ7
#
_entry.id   7KZ7
#
_cell.length_a   59.935
_cell.length_b   86.775
_cell.length_c   93.557
_cell.angle_alpha   90.000
_cell.angle_beta   90.000
_cell.angle_gamma   90.000
#
_symmetry.space_group_name_H-M   'P 21 21 21'
#
loop_
_entity.id
_entity.type
_entity.pdbx_description
1 polymer 'Botulinum neurotoxin type X'
2 non-polymer 'ZINC ION'
3 non-polymer 1,2-ETHANEDIOL
4 non-polymer GLYCEROL
5 water water
#
_entity_poly.entity_id   1
_entity_poly.type   'polypeptide(L)'
_entity_poly.pdbx_seq_one_letter_code
;MKLEINKFNYNDPIDGINVITMRPPRHSDKINKGKGPFKAFQVIKNIWIVPERYNFTNNTNDLNIPSEPIMEADAIYNPN
YLNTPSEKDEFLQGVIKVLERIKSKPEGEKLLELISSSIPLPLVSNGALTLSDNETIAYQENDNIVSTLQANLVIYGPGP
DIANNEIYGLYSTPISNGEGTLSEVSFSPFYLKPFDESYGNYRSLVNIVNKFVKREFAPDPASTLMHELVHVTHNLYGIS
NRNFYYNFDTGKIETSRQQNSLIFEELLTFGGIDSKAISSLIIKKIIETAKNNYTTLISERLNTVTVENDLLKNIKNKIP
VQGRLGNFKLDTAEFEKKLNTILFVLNESNLAQRFSILVRKHYIKERPIDPIYVNILDDNSYSTLEGFNISSQGSNDFQG
QLLESSYFEKIESNALRAFIKICPRNGLLYNAIYRNSKNHHHHHH
;
_entity_poly.pdbx_strand_id   A
#
loop_
_chem_comp.id
_chem_comp.type
_chem_comp.name
_chem_comp.formula
EDO non-polymer 1,2-ETHANEDIOL 'C2 H6 O2'
GOL non-polymer GLYCEROL 'C3 H8 O3'
ZN non-polymer 'ZINC ION' 'Zn 2'
#
# COMPACT_ATOMS: atom_id res chain seq x y z
N MET A 1 22.78 7.49 -5.19
CA MET A 1 23.05 6.54 -4.08
C MET A 1 22.13 5.32 -4.25
N LYS A 2 22.66 4.11 -4.08
CA LYS A 2 21.82 2.89 -4.19
C LYS A 2 20.73 2.96 -3.10
N LEU A 3 19.53 2.42 -3.37
CA LEU A 3 18.43 2.47 -2.38
C LEU A 3 18.82 1.64 -1.15
N GLU A 4 18.70 2.25 0.03
CA GLU A 4 19.08 1.66 1.33
C GLU A 4 17.83 1.25 2.10
N ILE A 5 17.76 -0.01 2.55
CA ILE A 5 16.69 -0.42 3.50
C ILE A 5 17.30 -0.46 4.90
N ASN A 6 16.84 0.43 5.77
CA ASN A 6 17.35 0.49 7.16
C ASN A 6 16.80 -0.66 8.00
N LYS A 7 17.69 -1.37 8.69
CA LYS A 7 17.28 -2.44 9.62
C LYS A 7 17.11 -1.82 11.02
N PHE A 8 16.24 -2.41 11.83
CA PHE A 8 16.02 -1.91 13.21
C PHE A 8 15.52 -3.04 14.08
N ASN A 9 15.74 -2.87 15.39
CA ASN A 9 15.11 -3.71 16.44
C ASN A 9 14.13 -2.75 17.12
N TYR A 10 13.00 -3.25 17.59
CA TYR A 10 11.99 -2.36 18.20
C TYR A 10 12.58 -1.57 19.38
N ASN A 11 13.56 -2.14 20.08
CA ASN A 11 14.10 -1.45 21.29
C ASN A 11 15.25 -0.50 20.92
N ASP A 12 15.48 -0.22 19.62
CA ASP A 12 16.55 0.74 19.27
C ASP A 12 16.20 2.09 19.88
N PRO A 13 17.18 2.83 20.45
CA PRO A 13 16.89 4.11 21.08
C PRO A 13 16.46 5.21 20.11
N ILE A 14 15.65 6.13 20.62
CA ILE A 14 15.21 7.31 19.84
C ILE A 14 16.47 8.09 19.43
N ASP A 15 16.52 8.57 18.18
CA ASP A 15 17.69 9.36 17.74
C ASP A 15 17.25 10.65 17.03
N GLY A 16 15.96 10.81 16.73
CA GLY A 16 15.49 12.02 16.03
C GLY A 16 15.85 12.02 14.55
N ILE A 17 16.45 10.94 14.05
CA ILE A 17 16.88 10.86 12.62
C ILE A 17 16.05 9.78 11.91
N ASN A 18 16.11 8.55 12.42
CA ASN A 18 15.37 7.39 11.86
C ASN A 18 14.45 6.78 12.92
N VAL A 19 14.68 7.08 14.20
CA VAL A 19 13.82 6.51 15.28
C VAL A 19 13.23 7.68 16.07
N ILE A 20 11.90 7.79 16.06
CA ILE A 20 11.19 8.91 16.74
C ILE A 20 9.95 8.39 17.45
N THR A 21 9.30 9.30 18.20
CA THR A 21 7.94 9.08 18.75
C THR A 21 7.08 10.00 17.90
N MET A 22 6.17 9.41 17.12
CA MET A 22 5.41 10.16 16.10
C MET A 22 4.01 10.54 16.59
N ARG A 23 3.66 11.81 16.42
CA ARG A 23 2.27 12.25 16.66
C ARG A 23 1.45 11.76 15.47
N PRO A 24 0.29 11.10 15.69
CA PRO A 24 -0.53 10.62 14.59
C PRO A 24 -0.88 11.72 13.59
N PRO A 25 -0.71 11.48 12.26
CA PRO A 25 -1.13 12.48 11.26
C PRO A 25 -2.58 12.96 11.45
N ARG A 26 -3.45 12.07 11.94
CA ARG A 26 -4.90 12.37 12.14
C ARG A 26 -5.15 12.79 13.59
N HIS A 27 -4.14 13.35 14.26
CA HIS A 27 -4.27 13.74 15.70
C HIS A 27 -5.38 14.78 15.91
N SER A 28 -5.71 15.58 14.89
CA SER A 28 -6.71 16.66 15.09
C SER A 28 -8.14 16.13 15.12
N ASP A 29 -8.41 14.93 14.59
CA ASP A 29 -9.79 14.38 14.58
C ASP A 29 -10.20 14.03 16.02
N LYS A 30 -11.45 14.32 16.39
CA LYS A 30 -11.88 14.11 17.80
C LYS A 30 -11.72 12.62 18.18
N ILE A 31 -11.91 11.68 17.26
CA ILE A 31 -11.79 10.23 17.61
C ILE A 31 -10.35 9.88 18.01
N ASN A 32 -9.38 10.74 17.73
CA ASN A 32 -7.96 10.40 18.01
C ASN A 32 -7.41 11.18 19.21
N LYS A 33 -8.27 11.90 19.91
CA LYS A 33 -7.79 12.66 21.08
C LYS A 33 -7.06 11.74 22.06
N GLY A 34 -5.85 12.14 22.48
CA GLY A 34 -5.08 11.42 23.51
C GLY A 34 -4.31 10.22 22.98
N LYS A 35 -4.39 9.93 21.67
CA LYS A 35 -3.65 8.76 21.12
C LYS A 35 -2.21 9.15 20.76
N GLY A 36 -1.25 8.30 21.14
CA GLY A 36 0.15 8.53 20.78
C GLY A 36 0.87 9.43 21.77
N PRO A 37 2.12 9.84 21.46
CA PRO A 37 2.77 9.48 20.21
C PRO A 37 3.24 8.02 20.16
N PHE A 38 3.61 7.56 18.96
CA PHE A 38 3.99 6.15 18.75
C PHE A 38 5.40 6.01 18.19
N LYS A 39 6.14 5.03 18.68
CA LYS A 39 7.52 4.79 18.19
C LYS A 39 7.44 4.48 16.69
N ALA A 40 8.31 5.13 15.90
CA ALA A 40 8.29 5.02 14.43
C ALA A 40 9.72 4.87 13.90
N PHE A 41 9.87 4.15 12.79
CA PHE A 41 11.19 3.79 12.24
C PHE A 41 11.28 4.16 10.76
N GLN A 42 12.33 4.88 10.37
CA GLN A 42 12.43 5.30 8.94
C GLN A 42 13.17 4.20 8.18
N VAL A 43 12.41 3.29 7.57
CA VAL A 43 12.97 2.10 6.87
C VAL A 43 13.61 2.53 5.54
N ILE A 44 12.99 3.50 4.87
CA ILE A 44 13.53 4.05 3.60
C ILE A 44 13.30 5.55 3.69
N LYS A 45 14.10 6.36 3.00
CA LYS A 45 13.89 7.83 3.10
C LYS A 45 12.42 8.15 2.80
N ASN A 46 11.74 8.82 3.74
CA ASN A 46 10.33 9.29 3.64
C ASN A 46 9.32 8.15 3.80
N ILE A 47 9.79 6.97 4.20
CA ILE A 47 8.89 5.81 4.43
C ILE A 47 9.10 5.32 5.88
N TRP A 48 8.01 5.34 6.65
CA TRP A 48 8.05 5.06 8.11
C TRP A 48 7.23 3.81 8.46
N ILE A 49 7.73 3.05 9.43
CA ILE A 49 7.01 1.88 9.97
C ILE A 49 6.61 2.21 11.41
N VAL A 50 5.33 2.04 11.74
CA VAL A 50 4.79 2.30 13.10
C VAL A 50 4.14 1.01 13.56
N PRO A 51 4.83 0.20 14.41
CA PRO A 51 4.28 -1.07 14.91
C PRO A 51 3.10 -0.87 15.89
N GLU A 52 2.01 -0.34 15.35
CA GLU A 52 0.78 -0.10 16.12
C GLU A 52 -0.41 -0.50 15.26
N ARG A 53 -1.50 -0.88 15.92
CA ARG A 53 -2.76 -1.17 15.19
C ARG A 53 -3.28 0.13 14.56
N TYR A 54 -3.82 0.04 13.34
CA TYR A 54 -4.39 1.23 12.71
C TYR A 54 -5.78 1.44 13.32
N ASN A 55 -6.02 2.56 14.02
N ASN A 55 -5.95 2.59 13.97
CA ASN A 55 -7.38 2.81 14.59
CA ASN A 55 -7.12 2.89 14.82
C ASN A 55 -7.64 4.32 14.58
C ASN A 55 -7.47 4.38 14.67
N PHE A 56 -7.22 4.99 13.50
CA PHE A 56 -7.31 6.48 13.40
C PHE A 56 -8.41 6.98 12.49
N THR A 57 -9.30 6.10 12.01
CA THR A 57 -10.45 6.54 11.18
C THR A 57 -11.74 6.00 11.80
N ASN A 58 -12.88 6.57 11.39
CA ASN A 58 -14.20 6.14 11.94
C ASN A 58 -14.35 4.61 11.85
N ASN A 59 -14.01 4.00 10.71
CA ASN A 59 -14.20 2.54 10.48
C ASN A 59 -13.15 1.70 11.24
N THR A 60 -12.11 2.30 11.82
CA THR A 60 -11.06 1.49 12.49
C THR A 60 -10.88 1.89 13.96
N ASN A 61 -11.68 2.84 14.45
CA ASN A 61 -11.56 3.37 15.83
C ASN A 61 -11.83 2.28 16.88
N ASP A 62 -12.72 1.32 16.60
CA ASP A 62 -13.05 0.25 17.59
C ASP A 62 -12.38 -1.07 17.15
N LEU A 63 -11.44 -1.59 17.93
CA LEU A 63 -10.73 -2.84 17.56
C LEU A 63 -11.45 -4.07 18.13
N ASN A 64 -12.50 -3.86 18.92
CA ASN A 64 -13.24 -5.01 19.51
C ASN A 64 -14.12 -5.68 18.45
N ILE A 65 -14.62 -6.88 18.77
CA ILE A 65 -15.61 -7.56 17.90
C ILE A 65 -16.72 -6.54 17.65
N PRO A 66 -17.15 -6.30 16.39
CA PRO A 66 -18.14 -5.26 16.13
C PRO A 66 -19.46 -5.42 16.88
N SER A 67 -20.15 -4.30 17.13
CA SER A 67 -21.47 -4.24 17.82
C SER A 67 -22.60 -4.40 16.80
N GLU A 68 -22.26 -4.43 15.50
CA GLU A 68 -23.23 -4.61 14.38
C GLU A 68 -22.84 -5.86 13.60
N PRO A 69 -23.70 -6.37 12.68
CA PRO A 69 -23.34 -7.55 11.88
C PRO A 69 -22.47 -7.18 10.66
N ILE A 70 -22.05 -5.91 10.56
CA ILE A 70 -21.22 -5.35 9.46
C ILE A 70 -20.00 -6.26 9.16
N MET A 71 -19.53 -7.02 10.14
CA MET A 71 -18.33 -7.91 10.00
C MET A 71 -18.34 -8.67 8.66
N GLU A 72 -17.14 -8.86 8.08
CA GLU A 72 -16.92 -9.60 6.81
C GLU A 72 -16.73 -11.10 7.17
N ALA A 73 -17.14 -12.01 6.29
CA ALA A 73 -17.17 -13.47 6.61
C ALA A 73 -15.77 -14.06 6.92
N ASP A 74 -14.69 -13.47 6.42
CA ASP A 74 -13.33 -14.03 6.66
C ASP A 74 -12.51 -13.11 7.58
N ALA A 75 -13.16 -12.21 8.33
CA ALA A 75 -12.40 -11.33 9.24
C ALA A 75 -11.97 -12.12 10.48
N ILE A 76 -10.89 -11.67 11.11
CA ILE A 76 -10.45 -12.23 12.42
C ILE A 76 -10.22 -11.04 13.34
N TYR A 77 -10.88 -11.02 14.50
CA TYR A 77 -10.77 -9.91 15.47
C TYR A 77 -9.99 -10.36 16.71
N ASN A 78 -9.16 -9.45 17.21
CA ASN A 78 -8.36 -9.63 18.45
C ASN A 78 -7.81 -8.27 18.83
N PRO A 79 -8.51 -7.53 19.72
CA PRO A 79 -8.08 -6.18 20.10
C PRO A 79 -6.71 -6.15 20.78
N ASN A 80 -6.19 -7.31 21.21
CA ASN A 80 -4.90 -7.39 21.94
C ASN A 80 -3.73 -7.63 20.97
N TYR A 81 -3.99 -7.95 19.70
CA TYR A 81 -2.84 -8.19 18.79
C TYR A 81 -2.02 -6.89 18.64
N LEU A 82 -0.71 -7.04 18.81
CA LEU A 82 0.29 -5.95 18.65
C LEU A 82 0.32 -5.05 19.89
N ASN A 83 -0.06 -5.55 21.06
CA ASN A 83 0.01 -4.65 22.25
C ASN A 83 1.27 -4.97 23.07
N THR A 84 2.07 -5.97 22.68
CA THR A 84 3.31 -6.28 23.45
C THR A 84 4.56 -5.95 22.64
N PRO A 85 5.69 -5.63 23.32
CA PRO A 85 6.94 -5.34 22.61
C PRO A 85 7.38 -6.48 21.69
N SER A 86 7.20 -7.74 22.10
CA SER A 86 7.63 -8.87 21.24
C SER A 86 6.80 -8.90 19.94
N GLU A 87 5.48 -8.66 20.02
CA GLU A 87 4.66 -8.66 18.78
C GLU A 87 5.02 -7.47 17.92
N LYS A 88 5.39 -6.36 18.53
CA LYS A 88 5.76 -5.13 17.76
CA LYS A 88 5.75 -5.14 17.75
C LYS A 88 7.08 -5.39 17.04
N ASP A 89 8.03 -6.03 17.72
CA ASP A 89 9.33 -6.30 17.05
C ASP A 89 9.10 -7.32 15.91
N GLU A 90 8.25 -8.31 16.14
CA GLU A 90 7.97 -9.33 15.08
C GLU A 90 7.36 -8.62 13.87
N PHE A 91 6.42 -7.71 14.13
CA PHE A 91 5.77 -6.95 13.03
C PHE A 91 6.83 -6.13 12.26
N LEU A 92 7.68 -5.42 13.03
CA LEU A 92 8.73 -4.56 12.43
C LEU A 92 9.66 -5.43 11.56
N GLN A 93 10.14 -6.57 12.09
CA GLN A 93 11.01 -7.46 11.27
C GLN A 93 10.25 -7.95 10.02
N GLY A 94 8.97 -8.26 10.15
CA GLY A 94 8.17 -8.77 9.02
C GLY A 94 8.04 -7.73 7.92
N VAL A 95 7.73 -6.48 8.29
CA VAL A 95 7.61 -5.41 7.26
C VAL A 95 8.99 -5.18 6.62
N ILE A 96 10.07 -5.14 7.42
CA ILE A 96 11.42 -4.93 6.84
C ILE A 96 11.75 -6.09 5.89
N LYS A 97 11.44 -7.32 6.29
CA LYS A 97 11.76 -8.47 5.40
C LYS A 97 10.96 -8.38 4.10
N VAL A 98 9.69 -7.97 4.18
CA VAL A 98 8.86 -7.87 2.95
C VAL A 98 9.43 -6.77 2.05
N LEU A 99 9.91 -5.66 2.63
CA LEU A 99 10.49 -4.56 1.82
C LEU A 99 11.81 -5.04 1.19
N GLU A 100 12.61 -5.83 1.91
CA GLU A 100 13.87 -6.37 1.33
C GLU A 100 13.52 -7.28 0.14
N ARG A 101 12.44 -8.05 0.27
CA ARG A 101 11.98 -8.91 -0.84
C ARG A 101 11.59 -8.04 -2.04
N ILE A 102 10.77 -7.02 -1.80
CA ILE A 102 10.36 -6.11 -2.91
C ILE A 102 11.60 -5.47 -3.56
N LYS A 103 12.60 -5.09 -2.76
CA LYS A 103 13.78 -4.41 -3.36
C LYS A 103 14.68 -5.42 -4.11
N SER A 104 14.44 -6.72 -3.96
CA SER A 104 15.35 -7.75 -4.54
C SER A 104 15.22 -7.85 -6.07
N LYS A 105 14.16 -7.29 -6.66
CA LYS A 105 14.01 -7.29 -8.14
C LYS A 105 13.93 -5.84 -8.60
N PRO A 106 14.47 -5.52 -9.81
CA PRO A 106 14.54 -4.13 -10.28
C PRO A 106 13.17 -3.43 -10.30
N GLU A 107 12.11 -4.16 -10.63
CA GLU A 107 10.77 -3.52 -10.69
C GLU A 107 10.35 -3.10 -9.27
N GLY A 108 10.68 -3.91 -8.25
CA GLY A 108 10.30 -3.58 -6.87
C GLY A 108 11.16 -2.45 -6.34
N GLU A 109 12.46 -2.47 -6.64
CA GLU A 109 13.38 -1.40 -6.22
C GLU A 109 12.91 -0.07 -6.83
N LYS A 110 12.56 -0.05 -8.12
CA LYS A 110 12.12 1.22 -8.76
C LYS A 110 10.80 1.71 -8.14
N LEU A 111 9.90 0.80 -7.78
CA LEU A 111 8.64 1.20 -7.10
C LEU A 111 8.98 1.88 -5.77
N LEU A 112 9.94 1.31 -5.03
CA LEU A 112 10.29 1.89 -3.70
C LEU A 112 10.96 3.24 -3.90
N GLU A 113 11.84 3.35 -4.91
CA GLU A 113 12.51 4.63 -5.22
C GLU A 113 11.45 5.68 -5.59
N LEU A 114 10.44 5.27 -6.36
CA LEU A 114 9.37 6.22 -6.78
C LEU A 114 8.60 6.73 -5.55
N ILE A 115 8.22 5.83 -4.64
CA ILE A 115 7.47 6.29 -3.43
C ILE A 115 8.37 7.17 -2.56
N SER A 116 9.65 6.83 -2.46
CA SER A 116 10.59 7.62 -1.63
C SER A 116 10.75 9.05 -2.17
N SER A 117 10.87 9.21 -3.48
CA SER A 117 11.19 10.55 -4.07
C SER A 117 9.95 11.36 -4.49
N SER A 118 8.80 10.73 -4.66
CA SER A 118 7.62 11.45 -5.22
C SER A 118 6.81 12.17 -4.14
N ILE A 119 7.38 13.21 -3.54
CA ILE A 119 6.67 13.99 -2.49
C ILE A 119 5.44 14.66 -3.06
N PRO A 120 4.38 14.86 -2.25
CA PRO A 120 3.25 15.67 -2.70
C PRO A 120 3.73 17.08 -3.04
N LEU A 121 3.04 17.74 -3.97
CA LEU A 121 3.37 19.13 -4.33
C LEU A 121 3.07 20.04 -3.15
N PRO A 122 4.10 20.68 -2.56
CA PRO A 122 3.87 21.56 -1.42
C PRO A 122 3.14 22.87 -1.77
N LEU A 123 2.56 23.48 -0.75
CA LEU A 123 1.99 24.85 -0.86
C LEU A 123 3.17 25.82 -1.03
N VAL A 124 2.87 27.02 -1.50
CA VAL A 124 3.89 28.08 -1.67
C VAL A 124 3.67 29.14 -0.59
N SER A 125 4.74 29.52 0.08
CA SER A 125 4.69 30.56 1.15
C SER A 125 5.90 31.48 0.94
N ASN A 126 5.64 32.77 0.75
CA ASN A 126 6.72 33.78 0.53
C ASN A 126 7.60 33.33 -0.64
N GLY A 127 6.96 32.87 -1.72
CA GLY A 127 7.66 32.48 -2.97
C GLY A 127 8.38 31.14 -2.91
N ALA A 128 8.31 30.40 -1.80
CA ALA A 128 9.03 29.11 -1.71
C ALA A 128 8.08 27.92 -1.48
N LEU A 129 8.38 26.79 -2.11
CA LEU A 129 7.67 25.54 -1.74
C LEU A 129 7.99 25.32 -0.25
N THR A 130 6.94 25.13 0.56
CA THR A 130 7.06 25.04 2.05
C THR A 130 6.25 23.83 2.52
N LEU A 131 6.83 23.03 3.43
CA LEU A 131 6.18 21.78 3.88
C LEU A 131 4.96 22.03 4.79
N SER A 132 4.02 21.10 4.70
CA SER A 132 2.78 21.08 5.52
C SER A 132 2.68 19.69 6.13
N ASP A 133 1.63 19.44 6.90
CA ASP A 133 1.40 18.10 7.50
C ASP A 133 0.95 17.12 6.40
N ASN A 134 0.74 17.62 5.18
CA ASN A 134 0.40 16.73 4.03
C ASN A 134 1.68 16.00 3.53
N GLU A 135 2.87 16.45 3.95
CA GLU A 135 4.17 15.91 3.46
C GLU A 135 5.11 15.55 4.61
N THR A 136 4.61 15.63 5.85
CA THR A 136 5.50 15.39 7.02
C THR A 136 4.76 14.72 8.18
N ILE A 137 5.55 14.19 9.12
CA ILE A 137 5.07 13.68 10.43
C ILE A 137 5.82 14.45 11.51
N ALA A 138 5.22 14.57 12.69
CA ALA A 138 5.83 15.33 13.80
C ALA A 138 6.43 14.37 14.82
N TYR A 139 7.68 14.67 15.20
CA TYR A 139 8.39 13.96 16.29
C TYR A 139 7.98 14.70 17.57
N GLN A 140 7.15 14.03 18.37
CA GLN A 140 6.63 14.64 19.63
C GLN A 140 7.36 14.03 20.83
N GLU A 141 7.87 14.88 21.72
CA GLU A 141 8.54 14.42 22.98
C GLU A 141 7.77 15.10 24.13
N ASN A 142 7.10 14.30 24.97
CA ASN A 142 6.23 14.85 26.05
C ASN A 142 5.09 15.59 25.34
N ASP A 143 4.90 16.89 25.62
CA ASP A 143 3.82 17.63 24.91
C ASP A 143 4.48 18.69 24.02
N ASN A 144 5.66 18.40 23.49
CA ASN A 144 6.38 19.38 22.63
C ASN A 144 6.68 18.76 21.26
N ILE A 145 6.54 19.54 20.20
CA ILE A 145 6.95 19.05 18.86
C ILE A 145 8.44 19.37 18.72
N VAL A 146 9.28 18.34 18.69
CA VAL A 146 10.74 18.53 18.56
C VAL A 146 11.06 18.96 17.12
N SER A 147 10.42 18.30 16.15
CA SER A 147 10.69 18.58 14.72
C SER A 147 9.63 17.94 13.85
N THR A 148 9.60 18.33 12.58
CA THR A 148 8.76 17.67 11.56
C THR A 148 9.74 17.02 10.58
N LEU A 149 9.42 15.81 10.14
N LEU A 149 9.46 15.78 10.17
CA LEU A 149 10.30 15.06 9.20
CA LEU A 149 10.33 15.08 9.18
C LEU A 149 9.48 14.65 7.98
C LEU A 149 9.48 14.70 7.98
N GLN A 150 10.09 14.67 6.80
CA GLN A 150 9.32 14.29 5.59
C GLN A 150 8.84 12.85 5.65
N ALA A 151 7.63 12.66 5.12
CA ALA A 151 7.00 11.33 5.09
C ALA A 151 6.03 11.28 3.92
N ASN A 152 6.20 10.28 3.05
CA ASN A 152 5.28 10.06 1.91
C ASN A 152 4.39 8.88 2.26
N LEU A 153 4.85 8.03 3.18
CA LEU A 153 4.13 6.77 3.50
C LEU A 153 4.45 6.36 4.93
N VAL A 154 3.41 5.99 5.68
CA VAL A 154 3.51 5.47 7.06
C VAL A 154 2.79 4.11 7.05
N ILE A 155 3.55 3.06 7.34
CA ILE A 155 3.02 1.67 7.36
C ILE A 155 2.71 1.28 8.79
N TYR A 156 1.45 0.95 9.06
CA TYR A 156 1.05 0.49 10.41
C TYR A 156 0.63 -0.97 10.32
N GLY A 157 0.32 -1.53 11.49
CA GLY A 157 -0.28 -2.88 11.60
C GLY A 157 -1.75 -2.80 11.19
N PRO A 158 -2.47 -3.93 11.24
CA PRO A 158 -3.86 -3.95 10.80
C PRO A 158 -4.84 -3.22 11.70
N GLY A 159 -5.99 -2.87 11.11
CA GLY A 159 -7.12 -2.33 11.87
C GLY A 159 -7.87 -3.44 12.61
N PRO A 160 -9.19 -3.28 12.84
CA PRO A 160 -9.98 -4.28 13.58
C PRO A 160 -9.81 -5.72 13.07
N ASP A 161 -9.89 -5.93 11.75
CA ASP A 161 -9.68 -7.26 11.14
C ASP A 161 -8.16 -7.44 11.02
N ILE A 162 -7.57 -8.34 11.83
CA ILE A 162 -6.08 -8.48 11.84
C ILE A 162 -5.55 -9.12 10.56
N ALA A 163 -6.43 -9.62 9.68
CA ALA A 163 -5.99 -10.20 8.39
C ALA A 163 -6.37 -9.29 7.22
N ASN A 164 -6.78 -8.04 7.51
CA ASN A 164 -7.16 -7.07 6.44
C ASN A 164 -6.01 -6.08 6.18
N ASN A 165 -5.98 -5.55 4.95
CA ASN A 165 -4.95 -4.58 4.50
C ASN A 165 -5.72 -3.43 3.87
N GLU A 166 -5.35 -2.19 4.20
CA GLU A 166 -6.06 -1.00 3.69
C GLU A 166 -5.09 0.17 3.50
N ILE A 167 -5.55 1.16 2.73
CA ILE A 167 -4.76 2.41 2.53
C ILE A 167 -5.70 3.60 2.75
N TYR A 168 -5.16 4.64 3.38
CA TYR A 168 -5.88 5.90 3.67
C TYR A 168 -5.03 7.09 3.24
N GLY A 169 -5.58 7.94 2.38
CA GLY A 169 -4.88 9.19 2.01
C GLY A 169 -5.21 10.23 3.06
N LEU A 170 -4.27 11.12 3.40
CA LEU A 170 -4.54 12.06 4.51
C LEU A 170 -5.55 13.15 4.14
N TYR A 171 -5.39 13.83 2.99
CA TYR A 171 -6.28 14.96 2.61
C TYR A 171 -6.98 14.62 1.30
N SER A 172 -8.32 14.71 1.32
CA SER A 172 -9.18 14.27 0.19
C SER A 172 -9.12 15.18 -1.05
N THR A 173 -8.74 16.45 -0.94
CA THR A 173 -8.68 17.25 -2.20
C THR A 173 -7.37 16.95 -2.94
N PRO A 174 -6.21 16.98 -2.25
CA PRO A 174 -4.92 16.70 -2.89
C PRO A 174 -4.76 15.27 -3.46
N ILE A 175 -5.53 14.31 -2.95
CA ILE A 175 -5.41 12.91 -3.41
C ILE A 175 -5.92 12.80 -4.86
N SER A 176 -6.80 13.71 -5.30
CA SER A 176 -7.38 13.59 -6.65
C SER A 176 -7.21 14.84 -7.54
N ASN A 177 -6.49 15.89 -7.11
CA ASN A 177 -6.37 17.10 -7.94
C ASN A 177 -4.96 17.27 -8.53
N GLY A 178 -4.13 16.23 -8.47
CA GLY A 178 -2.76 16.31 -9.01
C GLY A 178 -1.70 16.70 -7.98
N GLU A 179 -2.07 17.16 -6.79
CA GLU A 179 -1.02 17.53 -5.79
C GLU A 179 -0.40 16.31 -5.13
N GLY A 180 -1.24 15.38 -4.69
CA GLY A 180 -0.80 14.19 -3.95
C GLY A 180 -0.97 14.40 -2.45
N THR A 181 -0.97 13.28 -1.72
CA THR A 181 -1.12 13.33 -0.25
C THR A 181 -0.36 12.17 0.38
N LEU A 182 0.09 12.40 1.61
CA LEU A 182 0.71 11.37 2.46
C LEU A 182 -0.27 10.18 2.55
N SER A 183 0.26 8.96 2.55
CA SER A 183 -0.60 7.76 2.66
C SER A 183 -0.27 7.03 3.95
N GLU A 184 -1.28 6.44 4.55
CA GLU A 184 -1.11 5.53 5.70
C GLU A 184 -1.58 4.16 5.21
N VAL A 185 -0.75 3.14 5.39
CA VAL A 185 -1.16 1.76 5.01
C VAL A 185 -1.29 0.90 6.26
N SER A 186 -2.41 0.16 6.39
CA SER A 186 -2.58 -0.83 7.49
C SER A 186 -2.27 -2.18 6.83
N PHE A 187 -1.24 -2.86 7.33
CA PHE A 187 -0.69 -4.08 6.69
C PHE A 187 -0.51 -5.19 7.72
N SER A 188 -0.81 -6.42 7.29
CA SER A 188 -0.66 -7.60 8.18
C SER A 188 0.21 -8.65 7.49
N PRO A 189 1.54 -8.68 7.73
CA PRO A 189 2.38 -9.67 7.07
C PRO A 189 2.24 -11.13 7.57
N PHE A 190 1.65 -11.34 8.75
CA PHE A 190 1.57 -12.71 9.34
C PHE A 190 0.17 -13.34 9.24
N TYR A 191 -0.89 -12.55 9.05
CA TYR A 191 -2.28 -13.10 8.99
C TYR A 191 -2.78 -12.88 7.57
N LEU A 192 -2.87 -13.97 6.80
CA LEU A 192 -3.19 -13.89 5.36
C LEU A 192 -4.54 -14.52 5.03
N LYS A 193 -5.21 -13.96 4.02
CA LYS A 193 -6.50 -14.50 3.52
C LYS A 193 -6.23 -15.27 2.25
N PRO A 194 -6.47 -16.60 2.24
CA PRO A 194 -6.23 -17.41 1.06
C PRO A 194 -7.18 -17.08 -0.10
N PHE A 195 -6.85 -17.62 -1.28
CA PHE A 195 -7.67 -17.45 -2.50
C PHE A 195 -7.67 -18.77 -3.27
N ASP A 196 -8.62 -18.92 -4.20
CA ASP A 196 -8.75 -20.12 -5.06
C ASP A 196 -8.09 -19.87 -6.41
N GLU A 197 -7.44 -20.90 -6.96
CA GLU A 197 -6.85 -20.85 -8.32
C GLU A 197 -6.74 -22.29 -8.84
N SER A 198 -7.05 -22.49 -10.13
CA SER A 198 -6.95 -23.85 -10.73
C SER A 198 -5.49 -24.31 -10.72
N TYR A 199 -5.26 -25.59 -10.41
CA TYR A 199 -3.88 -26.10 -10.26
C TYR A 199 -3.92 -27.62 -10.33
N GLY A 200 -2.83 -28.24 -10.79
CA GLY A 200 -2.84 -29.71 -10.92
C GLY A 200 -1.67 -30.40 -10.25
N ASN A 201 -0.79 -29.67 -9.55
CA ASN A 201 0.42 -30.32 -8.98
C ASN A 201 0.32 -30.41 -7.44
N TYR A 202 -0.49 -31.35 -6.96
CA TYR A 202 -0.77 -31.53 -5.51
C TYR A 202 -1.20 -32.99 -5.30
N ARG A 203 -1.13 -33.45 -4.06
CA ARG A 203 -1.49 -34.85 -3.72
C ARG A 203 -2.97 -35.09 -4.04
N SER A 204 -3.25 -36.06 -4.90
CA SER A 204 -4.65 -36.31 -5.33
C SER A 204 -5.02 -37.80 -5.24
N LEU A 205 -6.29 -38.05 -4.94
CA LEU A 205 -6.83 -39.44 -4.88
C LEU A 205 -6.63 -40.12 -6.25
N VAL A 206 -6.32 -41.41 -6.23
CA VAL A 206 -6.03 -42.13 -7.51
C VAL A 206 -7.28 -42.25 -8.37
N ASN A 207 -8.48 -42.16 -7.77
CA ASN A 207 -9.76 -42.36 -8.54
C ASN A 207 -10.16 -41.07 -9.26
N ILE A 208 -9.42 -39.99 -9.06
CA ILE A 208 -9.80 -38.72 -9.74
C ILE A 208 -9.11 -38.70 -11.12
N VAL A 209 -9.89 -38.65 -12.19
CA VAL A 209 -9.34 -38.67 -13.58
C VAL A 209 -8.67 -37.32 -13.90
N ASN A 210 -9.37 -36.21 -13.69
CA ASN A 210 -8.84 -34.87 -14.02
C ASN A 210 -8.47 -34.13 -12.71
N LYS A 211 -7.17 -34.02 -12.42
CA LYS A 211 -6.78 -33.39 -11.13
C LYS A 211 -6.65 -31.87 -11.27
N PHE A 212 -6.85 -31.31 -12.47
CA PHE A 212 -6.73 -29.83 -12.62
C PHE A 212 -8.04 -29.19 -12.14
N VAL A 213 -8.03 -28.66 -10.91
CA VAL A 213 -9.24 -28.13 -10.24
C VAL A 213 -8.87 -26.93 -9.38
N LYS A 214 -9.88 -26.23 -8.84
CA LYS A 214 -9.58 -25.08 -7.97
C LYS A 214 -8.95 -25.59 -6.67
N ARG A 215 -7.82 -25.00 -6.29
CA ARG A 215 -7.11 -25.33 -5.02
C ARG A 215 -6.93 -24.02 -4.26
N GLU A 216 -6.71 -24.14 -2.95
CA GLU A 216 -6.51 -22.95 -2.09
C GLU A 216 -5.01 -22.60 -2.03
N PHE A 217 -4.73 -21.30 -2.08
CA PHE A 217 -3.35 -20.76 -2.02
C PHE A 217 -3.33 -19.60 -1.04
N ALA A 218 -2.16 -19.39 -0.44
CA ALA A 218 -1.93 -18.20 0.39
C ALA A 218 -1.26 -17.18 -0.50
N PRO A 219 -1.54 -15.88 -0.28
CA PRO A 219 -0.86 -14.84 -1.02
C PRO A 219 0.56 -14.64 -0.47
N ASP A 220 1.44 -14.14 -1.32
CA ASP A 220 2.76 -13.68 -0.82
C ASP A 220 2.52 -12.30 -0.24
N PRO A 221 2.76 -12.04 1.06
CA PRO A 221 2.49 -10.72 1.63
C PRO A 221 3.28 -9.61 0.92
N ALA A 222 4.33 -9.96 0.17
CA ALA A 222 5.05 -8.92 -0.62
C ALA A 222 4.13 -8.44 -1.75
N SER A 223 3.31 -9.35 -2.29
CA SER A 223 2.35 -8.98 -3.37
C SER A 223 1.25 -8.11 -2.75
N THR A 224 0.80 -8.48 -1.55
CA THR A 224 -0.20 -7.69 -0.81
C THR A 224 0.35 -6.27 -0.55
N LEU A 225 1.58 -6.16 -0.06
CA LEU A 225 2.13 -4.80 0.17
C LEU A 225 2.35 -4.08 -1.17
N MET A 226 2.83 -4.78 -2.20
CA MET A 226 3.04 -4.07 -3.50
C MET A 226 1.70 -3.52 -4.03
N HIS A 227 0.61 -4.25 -3.83
CA HIS A 227 -0.74 -3.75 -4.19
C HIS A 227 -0.98 -2.40 -3.50
N GLU A 228 -0.78 -2.34 -2.19
CA GLU A 228 -0.97 -1.07 -1.45
C GLU A 228 0.03 -0.01 -1.94
N LEU A 229 1.25 -0.43 -2.29
CA LEU A 229 2.28 0.56 -2.74
C LEU A 229 1.86 1.16 -4.10
N VAL A 230 1.11 0.41 -4.91
CA VAL A 230 0.63 0.98 -6.22
C VAL A 230 -0.44 2.04 -5.87
N HIS A 231 -1.34 1.74 -4.91
CA HIS A 231 -2.31 2.76 -4.46
C HIS A 231 -1.52 3.99 -3.93
N VAL A 232 -0.45 3.74 -3.16
CA VAL A 232 0.38 4.88 -2.64
C VAL A 232 0.87 5.75 -3.79
N THR A 233 1.37 5.14 -4.87
N THR A 233 1.38 5.15 -4.89
CA THR A 233 1.89 5.92 -6.01
CA THR A 233 1.89 5.95 -6.03
C THR A 233 0.76 6.80 -6.57
C THR A 233 0.75 6.82 -6.58
N HIS A 234 -0.45 6.26 -6.70
CA HIS A 234 -1.61 7.04 -7.21
C HIS A 234 -1.89 8.20 -6.25
N ASN A 235 -1.83 7.94 -4.95
CA ASN A 235 -2.09 8.97 -3.92
C ASN A 235 -1.02 10.07 -3.97
N LEU A 236 0.25 9.70 -4.18
CA LEU A 236 1.37 10.70 -4.20
C LEU A 236 1.29 11.57 -5.45
N TYR A 237 0.77 11.04 -6.56
CA TYR A 237 0.66 11.80 -7.83
C TYR A 237 -0.69 12.52 -7.89
N GLY A 238 -1.53 12.37 -6.85
CA GLY A 238 -2.85 13.03 -6.81
C GLY A 238 -3.77 12.61 -7.94
N ILE A 239 -3.72 11.34 -8.34
CA ILE A 239 -4.53 10.81 -9.47
C ILE A 239 -5.47 9.70 -8.99
N SER A 240 -5.77 9.67 -7.70
CA SER A 240 -6.70 8.64 -7.18
C SER A 240 -8.09 9.25 -7.03
N ASN A 241 -9.09 8.63 -7.66
CA ASN A 241 -10.50 9.04 -7.45
C ASN A 241 -11.31 7.77 -7.21
N ARG A 242 -11.68 7.55 -5.95
CA ARG A 242 -12.39 6.34 -5.48
C ARG A 242 -13.90 6.43 -5.73
N ASN A 243 -14.37 7.54 -6.31
CA ASN A 243 -15.83 7.73 -6.58
C ASN A 243 -16.25 7.08 -7.90
N PHE A 244 -15.29 6.65 -8.73
CA PHE A 244 -15.67 6.03 -10.03
C PHE A 244 -15.70 4.50 -9.91
N TYR A 245 -16.70 3.94 -10.56
CA TYR A 245 -16.93 2.47 -10.62
C TYR A 245 -16.83 2.03 -12.08
N TYR A 246 -16.28 0.85 -12.30
CA TYR A 246 -16.25 0.25 -13.64
C TYR A 246 -17.39 -0.76 -13.69
N ASN A 247 -18.31 -0.59 -14.63
CA ASN A 247 -19.45 -1.53 -14.80
C ASN A 247 -19.04 -2.61 -15.81
N PHE A 248 -18.88 -3.84 -15.34
CA PHE A 248 -18.46 -4.97 -16.20
C PHE A 248 -19.53 -5.33 -17.24
N ASP A 249 -20.80 -4.98 -17.00
CA ASP A 249 -21.86 -5.32 -17.98
C ASP A 249 -21.84 -4.33 -19.15
N THR A 250 -21.48 -3.08 -18.89
CA THR A 250 -21.59 -2.04 -19.96
C THR A 250 -20.21 -1.54 -20.42
N GLY A 251 -19.16 -1.77 -19.63
CA GLY A 251 -17.82 -1.28 -19.99
C GLY A 251 -17.71 0.23 -19.76
N LYS A 252 -18.67 0.80 -19.01
CA LYS A 252 -18.69 2.25 -18.74
C LYS A 252 -18.25 2.55 -17.31
N ILE A 253 -17.70 3.76 -17.11
CA ILE A 253 -17.41 4.32 -15.77
C ILE A 253 -18.70 4.98 -15.29
N GLU A 254 -19.02 4.81 -14.00
CA GLU A 254 -20.23 5.39 -13.36
C GLU A 254 -19.80 5.97 -12.01
N THR A 255 -20.61 6.87 -11.44
CA THR A 255 -20.26 7.53 -10.15
C THR A 255 -20.92 6.83 -8.96
N SER A 256 -21.61 5.72 -9.19
CA SER A 256 -22.24 4.93 -8.09
C SER A 256 -22.06 3.44 -8.40
N ARG A 257 -22.12 2.61 -7.35
CA ARG A 257 -21.97 1.15 -7.54
C ARG A 257 -23.22 0.59 -8.22
N GLN A 258 -23.04 -0.30 -9.19
CA GLN A 258 -24.19 -0.99 -9.83
C GLN A 258 -24.04 -2.49 -9.57
N GLN A 259 -24.89 -3.30 -10.17
CA GLN A 259 -24.92 -4.76 -9.90
C GLN A 259 -23.54 -5.40 -10.04
N ASN A 260 -22.95 -5.37 -11.24
CA ASN A 260 -21.65 -6.04 -11.50
C ASN A 260 -20.57 -4.98 -11.74
N SER A 261 -20.11 -4.33 -10.66
CA SER A 261 -19.15 -3.20 -10.73
C SER A 261 -17.97 -3.39 -9.80
N LEU A 262 -16.93 -2.58 -10.01
CA LEU A 262 -15.72 -2.59 -9.17
C LEU A 262 -15.14 -1.17 -9.14
N ILE A 263 -14.85 -0.65 -7.96
CA ILE A 263 -14.19 0.68 -7.84
C ILE A 263 -13.06 0.69 -8.87
N PHE A 264 -12.99 1.74 -9.69
CA PHE A 264 -12.03 1.76 -10.82
C PHE A 264 -10.59 1.76 -10.29
N GLU A 265 -10.35 2.44 -9.18
CA GLU A 265 -8.99 2.46 -8.56
C GLU A 265 -8.52 1.02 -8.28
N GLU A 266 -9.44 0.14 -7.84
CA GLU A 266 -9.07 -1.27 -7.53
C GLU A 266 -8.86 -2.03 -8.84
N LEU A 267 -9.71 -1.81 -9.83
CA LEU A 267 -9.56 -2.47 -11.15
C LEU A 267 -8.15 -2.21 -11.69
N LEU A 268 -7.68 -0.96 -11.68
CA LEU A 268 -6.33 -0.65 -12.21
C LEU A 268 -5.23 -1.18 -11.29
N THR A 269 -5.35 -0.98 -9.98
CA THR A 269 -4.27 -1.37 -9.03
C THR A 269 -4.08 -2.90 -9.09
N PHE A 270 -5.15 -3.66 -9.22
CA PHE A 270 -4.99 -5.14 -9.27
C PHE A 270 -4.49 -5.58 -10.65
N GLY A 271 -5.05 -4.97 -11.71
CA GLY A 271 -4.67 -5.32 -13.08
C GLY A 271 -5.13 -6.71 -13.49
N GLY A 272 -4.33 -7.39 -14.31
CA GLY A 272 -4.72 -8.73 -14.78
C GLY A 272 -5.75 -8.68 -15.91
N ILE A 273 -6.43 -9.80 -16.13
CA ILE A 273 -7.37 -9.97 -17.28
C ILE A 273 -8.46 -8.88 -17.28
N ASP A 274 -8.96 -8.48 -16.13
CA ASP A 274 -10.09 -7.52 -16.07
C ASP A 274 -9.72 -6.12 -16.59
N SER A 275 -8.44 -5.72 -16.61
CA SER A 275 -8.07 -4.36 -17.10
C SER A 275 -7.66 -4.38 -18.59
N LYS A 276 -7.65 -5.54 -19.24
CA LYS A 276 -7.18 -5.61 -20.66
C LYS A 276 -8.22 -5.09 -21.65
N ALA A 277 -9.48 -4.92 -21.25
CA ALA A 277 -10.49 -4.48 -22.24
C ALA A 277 -11.09 -3.12 -21.87
N ILE A 278 -10.37 -2.28 -21.11
CA ILE A 278 -10.88 -0.91 -20.81
C ILE A 278 -10.94 -0.14 -22.14
N SER A 279 -12.02 0.63 -22.34
CA SER A 279 -12.26 1.39 -23.59
C SER A 279 -11.23 2.50 -23.75
N SER A 280 -10.96 2.91 -24.99
CA SER A 280 -10.02 4.05 -25.22
C SER A 280 -10.67 5.34 -24.67
N LEU A 281 -12.01 5.39 -24.64
CA LEU A 281 -12.73 6.58 -24.10
C LEU A 281 -12.37 6.76 -22.63
N ILE A 282 -12.42 5.69 -21.83
CA ILE A 282 -12.08 5.82 -20.38
C ILE A 282 -10.62 6.26 -20.22
N ILE A 283 -9.72 5.57 -20.91
CA ILE A 283 -8.28 5.89 -20.82
C ILE A 283 -8.01 7.35 -21.22
N LYS A 284 -8.61 7.82 -22.31
CA LYS A 284 -8.37 9.22 -22.75
C LYS A 284 -8.92 10.20 -21.71
N LYS A 285 -10.09 9.90 -21.12
CA LYS A 285 -10.70 10.83 -20.11
C LYS A 285 -9.81 10.90 -18.86
N ILE A 286 -9.31 9.76 -18.39
CA ILE A 286 -8.41 9.71 -17.19
C ILE A 286 -7.17 10.55 -17.47
N ILE A 287 -6.54 10.33 -18.63
CA ILE A 287 -5.28 11.06 -18.98
C ILE A 287 -5.55 12.57 -19.10
N GLU A 288 -6.63 12.96 -19.78
CA GLU A 288 -6.96 14.40 -19.97
C GLU A 288 -7.25 15.06 -18.61
N THR A 289 -7.94 14.36 -17.72
CA THR A 289 -8.24 14.91 -16.36
C THR A 289 -6.91 15.16 -15.62
N ALA A 290 -6.02 14.18 -15.62
CA ALA A 290 -4.71 14.35 -14.93
C ALA A 290 -3.92 15.47 -15.59
N LYS A 291 -3.87 15.50 -16.92
CA LYS A 291 -3.09 16.53 -17.64
C LYS A 291 -3.64 17.92 -17.29
N ASN A 292 -4.96 18.10 -17.30
N ASN A 292 -4.97 18.07 -17.29
CA ASN A 292 -5.57 19.42 -16.97
CA ASN A 292 -5.61 19.38 -16.96
C ASN A 292 -5.25 19.79 -15.51
C ASN A 292 -5.26 19.78 -15.52
N ASN A 293 -5.31 18.82 -14.59
CA ASN A 293 -5.01 19.11 -13.16
C ASN A 293 -3.56 19.59 -13.03
N TYR A 294 -2.63 18.92 -13.71
CA TYR A 294 -1.19 19.27 -13.65
C TYR A 294 -0.94 20.62 -14.32
N THR A 295 -1.59 20.88 -15.47
N THR A 295 -1.56 20.90 -15.47
CA THR A 295 -1.41 22.18 -16.18
CA THR A 295 -1.32 22.21 -16.13
C THR A 295 -1.84 23.30 -15.22
C THR A 295 -1.83 23.32 -15.19
N THR A 296 -2.95 23.10 -14.52
CA THR A 296 -3.49 24.12 -13.58
C THR A 296 -2.50 24.33 -12.43
N LEU A 297 -1.98 23.25 -11.86
CA LEU A 297 -1.01 23.39 -10.72
C LEU A 297 0.28 24.08 -11.19
N ILE A 298 0.73 23.78 -12.41
CA ILE A 298 2.00 24.42 -12.87
C ILE A 298 1.77 25.91 -13.06
N SER A 299 0.61 26.28 -13.63
CA SER A 299 0.28 27.69 -13.90
C SER A 299 -0.04 28.45 -12.61
N GLU A 300 -0.92 27.89 -11.78
CA GLU A 300 -1.38 28.62 -10.58
C GLU A 300 -0.43 28.48 -9.39
N ARG A 301 0.37 27.41 -9.34
CA ARG A 301 1.25 27.29 -8.16
C ARG A 301 2.75 27.26 -8.50
N LEU A 302 3.19 26.31 -9.34
CA LEU A 302 4.66 26.21 -9.58
C LEU A 302 5.23 27.52 -10.15
N ASN A 303 4.45 28.22 -10.97
CA ASN A 303 4.97 29.45 -11.61
C ASN A 303 4.96 30.62 -10.62
N THR A 304 4.44 30.41 -9.41
CA THR A 304 4.49 31.47 -8.37
C THR A 304 5.77 31.31 -7.55
N VAL A 305 6.51 30.21 -7.74
CA VAL A 305 7.74 29.99 -6.95
C VAL A 305 8.82 30.95 -7.43
N THR A 306 9.41 31.70 -6.50
CA THR A 306 10.51 32.65 -6.80
C THR A 306 11.76 32.21 -6.03
N VAL A 307 11.64 31.18 -5.20
CA VAL A 307 12.79 30.70 -4.36
C VAL A 307 13.22 29.31 -4.82
N GLU A 308 14.45 29.19 -5.33
CA GLU A 308 14.95 27.87 -5.76
C GLU A 308 15.46 27.17 -4.51
N ASN A 309 14.82 26.07 -4.11
CA ASN A 309 15.28 25.31 -2.92
C ASN A 309 15.28 23.82 -3.29
N ASP A 310 15.66 22.96 -2.35
CA ASP A 310 15.73 21.50 -2.60
C ASP A 310 14.34 20.95 -2.95
N LEU A 311 13.28 21.52 -2.39
CA LEU A 311 11.90 21.02 -2.68
C LEU A 311 11.58 21.27 -4.16
N LEU A 312 12.02 22.40 -4.72
CA LEU A 312 11.77 22.66 -6.16
C LEU A 312 12.53 21.60 -6.97
N LYS A 313 13.78 21.30 -6.60
CA LYS A 313 14.54 20.26 -7.35
C LYS A 313 13.78 18.94 -7.27
N ASN A 314 13.27 18.58 -6.07
CA ASN A 314 12.53 17.30 -5.87
C ASN A 314 11.29 17.29 -6.78
N ILE A 315 10.57 18.42 -6.86
CA ILE A 315 9.32 18.49 -7.67
C ILE A 315 9.66 18.39 -9.17
N LYS A 316 10.75 19.02 -9.62
CA LYS A 316 11.12 18.92 -11.06
C LYS A 316 11.48 17.46 -11.41
N ASN A 317 11.94 16.68 -10.43
CA ASN A 317 12.26 15.24 -10.67
C ASN A 317 10.96 14.42 -10.68
N LYS A 318 9.93 14.92 -9.99
CA LYS A 318 8.63 14.20 -9.91
C LYS A 318 7.77 14.53 -11.14
N ILE A 319 7.69 15.82 -11.47
CA ILE A 319 6.82 16.31 -12.56
C ILE A 319 7.66 16.72 -13.75
N PRO A 320 7.53 16.05 -14.91
CA PRO A 320 8.27 16.47 -16.10
C PRO A 320 7.80 17.85 -16.56
N VAL A 321 8.70 18.83 -16.49
CA VAL A 321 8.38 20.22 -16.92
C VAL A 321 9.48 20.72 -17.84
N GLN A 322 9.17 21.78 -18.57
CA GLN A 322 10.10 22.52 -19.46
C GLN A 322 10.00 23.99 -19.10
N GLY A 323 10.99 24.79 -19.49
CA GLY A 323 11.00 26.24 -19.24
C GLY A 323 11.85 26.60 -18.04
N ARG A 324 11.75 27.83 -17.58
CA ARG A 324 12.59 28.32 -16.44
C ARG A 324 11.69 28.83 -15.33
N LEU A 325 12.31 29.20 -14.21
CA LEU A 325 11.62 29.71 -13.00
C LEU A 325 10.58 30.76 -13.41
N GLY A 326 9.36 30.59 -12.92
CA GLY A 326 8.24 31.53 -13.18
C GLY A 326 7.57 31.31 -14.52
N ASN A 327 8.10 30.40 -15.36
N ASN A 327 8.13 30.44 -15.37
CA ASN A 327 7.50 30.18 -16.71
CA ASN A 327 7.56 30.19 -16.72
C ASN A 327 7.57 28.70 -17.09
C ASN A 327 7.66 28.70 -17.08
N PHE A 328 7.33 27.80 -16.14
CA PHE A 328 7.37 26.35 -16.46
C PHE A 328 6.12 25.95 -17.25
N LYS A 329 6.26 24.89 -18.03
CA LYS A 329 5.14 24.28 -18.78
C LYS A 329 5.26 22.74 -18.66
N LEU A 330 4.13 22.04 -18.65
CA LEU A 330 4.19 20.57 -18.56
C LEU A 330 4.93 20.00 -19.78
N ASP A 331 5.83 19.04 -19.54
CA ASP A 331 6.46 18.29 -20.67
C ASP A 331 5.45 17.19 -21.03
N THR A 332 4.53 17.48 -21.96
CA THR A 332 3.39 16.58 -22.27
C THR A 332 3.82 15.13 -22.55
N ALA A 333 4.75 14.93 -23.48
CA ALA A 333 5.19 13.56 -23.88
C ALA A 333 5.76 12.79 -22.68
N GLU A 334 6.63 13.44 -21.89
CA GLU A 334 7.23 12.74 -20.72
C GLU A 334 6.18 12.56 -19.62
N PHE A 335 5.28 13.53 -19.46
CA PHE A 335 4.21 13.39 -18.42
C PHE A 335 3.29 12.21 -18.78
N GLU A 336 2.85 12.15 -20.04
N GLU A 336 2.85 12.12 -20.04
CA GLU A 336 1.96 11.05 -20.51
CA GLU A 336 1.91 11.02 -20.42
C GLU A 336 2.62 9.68 -20.27
C GLU A 336 2.60 9.65 -20.30
N LYS A 337 3.92 9.59 -20.56
CA LYS A 337 4.66 8.31 -20.44
C LYS A 337 4.72 7.89 -18.97
N LYS A 338 5.03 8.83 -18.09
CA LYS A 338 5.14 8.49 -16.64
C LYS A 338 3.74 8.15 -16.10
N LEU A 339 2.73 8.94 -16.47
CA LEU A 339 1.35 8.69 -16.00
C LEU A 339 0.87 7.31 -16.45
N ASN A 340 1.09 6.95 -17.72
CA ASN A 340 0.61 5.64 -18.23
C ASN A 340 1.34 4.49 -17.53
N THR A 341 2.60 4.72 -17.15
CA THR A 341 3.36 3.68 -16.41
C THR A 341 2.72 3.47 -15.03
N ILE A 342 2.45 4.58 -14.33
N ILE A 342 2.45 4.55 -14.28
CA ILE A 342 1.90 4.54 -12.95
CA ILE A 342 1.91 4.40 -12.89
C ILE A 342 0.47 3.98 -12.95
C ILE A 342 0.43 4.01 -12.91
N LEU A 343 -0.29 4.20 -14.02
CA LEU A 343 -1.72 3.77 -14.07
C LEU A 343 -1.87 2.37 -14.67
N PHE A 344 -1.14 2.08 -15.75
CA PHE A 344 -1.44 0.86 -16.55
C PHE A 344 -0.32 -0.18 -16.50
N VAL A 345 0.89 0.17 -16.12
CA VAL A 345 1.98 -0.86 -16.10
C VAL A 345 2.17 -1.34 -14.66
N LEU A 346 2.17 -0.39 -13.73
CA LEU A 346 2.35 -0.67 -12.30
C LEU A 346 1.04 -1.23 -11.72
N ASN A 347 0.99 -2.51 -11.45
CA ASN A 347 -0.21 -3.12 -10.82
C ASN A 347 0.21 -4.44 -10.16
N GLU A 348 -0.65 -4.97 -9.28
CA GLU A 348 -0.27 -6.18 -8.50
C GLU A 348 -0.01 -7.36 -9.45
N SER A 349 -0.87 -7.58 -10.45
CA SER A 349 -0.72 -8.74 -11.36
C SER A 349 0.61 -8.66 -12.14
N ASN A 350 0.95 -7.48 -12.67
CA ASN A 350 2.20 -7.34 -13.46
C ASN A 350 3.42 -7.57 -12.56
N LEU A 351 3.41 -6.97 -11.36
CA LEU A 351 4.55 -7.12 -10.42
C LEU A 351 4.65 -8.58 -9.95
N ALA A 352 3.52 -9.24 -9.72
CA ALA A 352 3.55 -10.64 -9.24
C ALA A 352 4.22 -11.52 -10.29
N GLN A 353 3.92 -11.28 -11.57
CA GLN A 353 4.55 -12.05 -12.67
C GLN A 353 6.07 -11.91 -12.59
N ARG A 354 6.58 -10.68 -12.36
CA ARG A 354 8.03 -10.40 -12.29
C ARG A 354 8.66 -11.15 -11.11
N PHE A 355 7.91 -11.39 -10.04
CA PHE A 355 8.44 -12.06 -8.82
C PHE A 355 8.09 -13.56 -8.80
N SER A 356 7.47 -14.08 -9.85
CA SER A 356 7.04 -15.52 -9.84
C SER A 356 6.11 -15.78 -8.64
N ILE A 357 5.22 -14.83 -8.36
CA ILE A 357 4.20 -14.95 -7.27
C ILE A 357 2.86 -15.26 -7.91
N LEU A 358 2.12 -16.21 -7.34
CA LEU A 358 0.76 -16.50 -7.85
C LEU A 358 -0.22 -15.50 -7.23
N VAL A 359 -1.04 -14.88 -8.08
CA VAL A 359 -2.15 -14.02 -7.60
C VAL A 359 -3.43 -14.56 -8.25
N ARG A 360 -4.58 -14.23 -7.67
CA ARG A 360 -5.88 -14.69 -8.18
C ARG A 360 -6.17 -14.03 -9.53
N LYS A 361 -7.15 -14.58 -10.24
CA LYS A 361 -7.55 -14.07 -11.58
C LYS A 361 -8.30 -12.75 -11.48
N HIS A 362 -9.16 -12.60 -10.46
CA HIS A 362 -10.03 -11.40 -10.33
C HIS A 362 -9.86 -10.74 -8.97
N TYR A 363 -9.86 -9.40 -8.94
CA TYR A 363 -9.76 -8.68 -7.66
C TYR A 363 -10.83 -9.17 -6.68
N ILE A 364 -12.09 -9.26 -7.14
CA ILE A 364 -13.20 -9.74 -6.27
C ILE A 364 -13.14 -11.26 -6.14
N LYS A 365 -13.11 -11.77 -4.90
CA LYS A 365 -13.05 -13.24 -4.69
C LYS A 365 -14.47 -13.81 -4.71
N GLU A 366 -14.63 -15.01 -5.29
CA GLU A 366 -15.94 -15.70 -5.37
C GLU A 366 -16.43 -16.15 -3.99
N ARG A 367 -15.52 -16.51 -3.08
CA ARG A 367 -15.97 -16.98 -1.75
C ARG A 367 -14.95 -16.62 -0.66
N PRO A 368 -15.39 -16.50 0.60
CA PRO A 368 -14.48 -16.23 1.69
C PRO A 368 -13.74 -17.50 2.14
N ILE A 369 -12.48 -17.36 2.51
CA ILE A 369 -11.67 -18.50 3.01
C ILE A 369 -11.06 -18.03 4.33
N ASP A 370 -11.15 -18.87 5.37
CA ASP A 370 -10.62 -18.49 6.71
C ASP A 370 -9.16 -18.08 6.63
N PRO A 371 -8.78 -17.01 7.35
CA PRO A 371 -7.39 -16.59 7.39
C PRO A 371 -6.48 -17.63 8.07
N ILE A 372 -5.20 -17.56 7.71
CA ILE A 372 -4.15 -18.43 8.31
C ILE A 372 -3.06 -17.54 8.90
N TYR A 373 -2.27 -18.12 9.80
CA TYR A 373 -1.07 -17.46 10.37
C TYR A 373 0.16 -18.10 9.74
N VAL A 374 1.16 -17.29 9.41
CA VAL A 374 2.42 -17.86 8.87
C VAL A 374 3.60 -17.03 9.38
N ASN A 375 4.59 -17.70 9.98
CA ASN A 375 5.78 -16.97 10.48
C ASN A 375 6.74 -16.74 9.31
N ILE A 376 6.59 -15.61 8.62
CA ILE A 376 7.46 -15.32 7.44
C ILE A 376 8.88 -14.99 7.87
N LEU A 377 9.18 -14.91 9.17
CA LEU A 377 10.57 -14.58 9.58
C LEU A 377 11.44 -15.83 9.47
N ASP A 378 10.82 -17.00 9.35
CA ASP A 378 11.56 -18.27 9.22
C ASP A 378 12.00 -18.42 7.75
N ASP A 379 13.30 -18.33 7.49
CA ASP A 379 13.84 -18.45 6.10
C ASP A 379 13.53 -19.83 5.51
N ASN A 380 13.26 -20.84 6.32
CA ASN A 380 12.90 -22.17 5.75
C ASN A 380 11.50 -22.10 5.12
N SER A 381 10.67 -21.16 5.56
CA SER A 381 9.29 -21.04 5.03
C SER A 381 9.20 -19.95 3.97
N TYR A 382 9.88 -18.82 4.22
CA TYR A 382 9.75 -17.61 3.34
C TYR A 382 11.11 -16.93 3.21
N SER A 383 11.62 -16.79 1.97
CA SER A 383 12.94 -16.15 1.78
C SER A 383 12.73 -14.78 1.12
N THR A 384 13.67 -13.86 1.32
CA THR A 384 13.53 -12.56 0.62
C THR A 384 13.65 -12.77 -0.90
N LEU A 385 14.50 -13.70 -1.34
CA LEU A 385 14.71 -13.85 -2.81
C LEU A 385 13.57 -14.61 -3.51
N GLU A 386 12.90 -15.54 -2.83
CA GLU A 386 11.89 -16.38 -3.53
C GLU A 386 10.53 -16.42 -2.81
N GLY A 387 10.40 -15.76 -1.67
CA GLY A 387 9.12 -15.83 -0.94
C GLY A 387 8.85 -17.27 -0.47
N PHE A 388 7.63 -17.75 -0.70
CA PHE A 388 7.26 -19.15 -0.32
C PHE A 388 7.71 -20.15 -1.39
N ASN A 389 8.03 -19.67 -2.61
CA ASN A 389 8.33 -20.54 -3.77
C ASN A 389 9.84 -20.82 -3.87
N ILE A 390 10.38 -21.47 -2.84
CA ILE A 390 11.84 -21.75 -2.73
C ILE A 390 12.23 -22.95 -3.60
N SER A 391 13.06 -22.70 -4.62
CA SER A 391 13.48 -23.72 -5.62
C SER A 391 14.28 -24.85 -4.99
N SER A 392 15.21 -24.54 -4.08
CA SER A 392 16.03 -25.60 -3.45
C SER A 392 15.15 -26.59 -2.68
N GLN A 393 13.91 -26.22 -2.37
CA GLN A 393 13.00 -27.13 -1.62
C GLN A 393 11.93 -27.70 -2.56
N GLY A 394 12.05 -27.44 -3.87
CA GLY A 394 11.07 -27.93 -4.87
C GLY A 394 9.75 -27.19 -4.81
N SER A 395 9.76 -25.94 -4.32
CA SER A 395 8.51 -25.16 -4.17
C SER A 395 8.42 -24.07 -5.23
N ASN A 396 9.22 -24.17 -6.29
CA ASN A 396 9.11 -23.21 -7.43
C ASN A 396 7.78 -23.44 -8.14
N ASP A 397 7.48 -22.62 -9.14
CA ASP A 397 6.22 -22.75 -9.93
C ASP A 397 4.99 -22.70 -9.00
N PHE A 398 5.03 -21.80 -8.02
CA PHE A 398 3.89 -21.45 -7.10
C PHE A 398 3.54 -22.54 -6.09
N GLN A 399 4.27 -23.64 -6.04
CA GLN A 399 3.85 -24.73 -5.14
C GLN A 399 3.98 -24.32 -3.65
N GLY A 400 4.90 -23.44 -3.31
CA GLY A 400 5.07 -23.05 -1.89
C GLY A 400 3.89 -22.25 -1.36
N GLN A 401 3.05 -21.73 -2.26
CA GLN A 401 1.88 -20.93 -1.85
C GLN A 401 0.68 -21.85 -1.63
N LEU A 402 0.80 -23.11 -2.02
CA LEU A 402 -0.32 -24.06 -1.83
C LEU A 402 -0.65 -24.06 -0.32
N LEU A 403 -1.92 -23.91 0.03
CA LEU A 403 -2.34 -23.76 1.46
C LEU A 403 -2.05 -25.01 2.29
N GLU A 404 -1.95 -26.21 1.71
CA GLU A 404 -1.66 -27.35 2.62
C GLU A 404 -0.17 -27.35 3.01
N SER A 405 0.62 -26.38 2.54
CA SER A 405 2.05 -26.29 2.96
C SER A 405 2.09 -26.21 4.50
N SER A 406 3.08 -26.85 5.13
CA SER A 406 3.12 -26.99 6.61
C SER A 406 3.20 -25.65 7.34
N TYR A 407 3.82 -24.62 6.74
CA TYR A 407 4.02 -23.33 7.46
C TYR A 407 2.73 -22.48 7.50
N PHE A 408 1.69 -22.84 6.74
CA PHE A 408 0.40 -22.09 6.86
C PHE A 408 -0.38 -22.74 8.00
N GLU A 409 -0.55 -22.01 9.11
CA GLU A 409 -1.16 -22.56 10.34
C GLU A 409 -2.63 -22.15 10.44
N LYS A 410 -3.49 -23.08 10.82
CA LYS A 410 -4.94 -22.78 10.97
C LYS A 410 -5.15 -21.90 12.21
N ILE A 411 -6.14 -21.01 12.10
CA ILE A 411 -6.55 -20.12 13.22
C ILE A 411 -7.97 -20.55 13.62
N GLU A 412 -8.17 -20.89 14.89
CA GLU A 412 -9.52 -21.23 15.38
C GLU A 412 -10.20 -19.93 15.81
N SER A 413 -11.38 -19.65 15.24
CA SER A 413 -12.18 -18.45 15.62
C SER A 413 -13.56 -18.90 16.11
N ASN A 414 -14.23 -18.07 16.92
CA ASN A 414 -15.60 -18.40 17.39
C ASN A 414 -16.59 -17.89 16.33
N ALA A 415 -17.89 -18.11 16.55
CA ALA A 415 -18.95 -17.71 15.58
C ALA A 415 -18.86 -16.21 15.25
N LEU A 416 -18.42 -15.40 16.22
CA LEU A 416 -18.33 -13.92 16.08
C LEU A 416 -17.01 -13.50 15.40
N ARG A 417 -16.23 -14.46 14.91
CA ARG A 417 -14.95 -14.19 14.20
C ARG A 417 -13.87 -13.72 15.19
N ALA A 418 -14.05 -14.01 16.48
CA ALA A 418 -13.06 -13.65 17.51
C ALA A 418 -11.91 -14.67 17.48
N PHE A 419 -10.67 -14.17 17.55
CA PHE A 419 -9.46 -15.03 17.54
C PHE A 419 -9.43 -15.89 18.82
N ILE A 420 -9.27 -17.21 18.65
CA ILE A 420 -9.16 -18.15 19.80
C ILE A 420 -7.69 -18.54 19.94
N LYS A 421 -7.08 -19.04 18.86
CA LYS A 421 -5.65 -19.47 18.92
C LYS A 421 -5.15 -19.88 17.54
N ILE A 422 -3.83 -19.99 17.41
CA ILE A 422 -3.13 -20.50 16.20
C ILE A 422 -2.84 -21.99 16.46
N CYS A 423 -3.17 -22.87 15.50
CA CYS A 423 -2.91 -24.33 15.66
C CYS A 423 -1.54 -24.67 15.06
N PRO A 424 -0.50 -24.91 15.88
CA PRO A 424 0.84 -25.21 15.37
C PRO A 424 1.00 -26.67 14.95
ZN ZN B . -6.63 -2.21 -3.33
C1 EDO C . -3.48 26.81 -5.17
O1 EDO C . -2.92 25.86 -6.06
C2 EDO C . -2.48 27.44 -4.28
O2 EDO C . -1.25 27.74 -4.93
C1 EDO D . -2.46 -13.15 17.67
O1 EDO D . -3.74 -12.57 17.40
C2 EDO D . -2.12 -13.23 19.11
O2 EDO D . -1.78 -11.97 19.68
C1 EDO E . -6.59 -11.18 -0.22
O1 EDO E . -8.01 -11.10 -0.22
C2 EDO E . -6.07 -12.34 -1.00
O2 EDO E . -6.93 -13.46 -0.97
C1 EDO F . -5.19 -7.40 -1.43
O1 EDO F . -6.39 -6.92 -1.98
C2 EDO F . -4.13 -7.62 -2.46
O2 EDO F . -4.51 -8.52 -3.48
C1 EDO G . -12.46 -34.23 -9.90
O1 EDO G . -11.84 -33.65 -11.03
C2 EDO G . -12.68 -33.28 -8.78
O2 EDO G . -11.75 -33.41 -7.73
C1 EDO H . -8.07 15.04 8.31
O1 EDO H . -9.17 15.15 9.20
C2 EDO H . -6.86 14.49 8.96
O2 EDO H . -6.94 14.48 10.38
C1 EDO I . -9.25 6.23 -10.33
O1 EDO I . -8.37 6.38 -9.22
C2 EDO I . -8.91 7.10 -11.47
O2 EDO I . -7.59 6.88 -11.93
C1 GOL J . -7.39 -33.55 -1.33
O1 GOL J . -7.81 -32.22 -1.09
C2 GOL J . -8.11 -34.15 -2.53
O2 GOL J . -9.24 -34.90 -2.08
C3 GOL J . -7.22 -35.03 -3.36
O3 GOL J . -7.87 -35.52 -4.53
C1 GOL K . -10.92 -7.91 -0.90
O1 GOL K . -9.50 -8.04 -0.81
C2 GOL K . -11.43 -8.30 -2.28
O2 GOL K . -10.71 -9.43 -2.74
C3 GOL K . -12.92 -8.59 -2.32
O3 GOL K . -13.18 -9.93 -2.71
#